data_8YWB
#
_entry.id   8YWB
#
_cell.length_a   89.337
_cell.length_b   81.264
_cell.length_c   73.863
_cell.angle_alpha   90.00
_cell.angle_beta   90.00
_cell.angle_gamma   90.00
#
_symmetry.space_group_name_H-M   'C 1 2 1'
#
loop_
_entity.id
_entity.type
_entity.pdbx_description
1 polymer 'Stimulator of interferon genes protein'
2 polymer PRO-TRP-SER-TYR-TYR-SER-TYR
3 water water
#
loop_
_entity_poly.entity_id
_entity_poly.type
_entity_poly.pdbx_seq_one_letter_code
_entity_poly.pdbx_strand_id
1 'polypeptide(L)'
;MPHSSLHPSIPCPRGHGAQKAALVLLSACLVTLWGLGEPPEHTLRYLVLHLASLQLGLLLNGVCSLAEELRHIHSRYRGS
YWRTVRACLGCPLRRGALLLLSIYFYYSLPNAVGPPFTWMLALLGLSQALNILLGLKGLAPAEISAVCEKGNFNVAHGLA
WSYYIGYLRLILPELQARIRTYNQHYNNLLRGAVSQRLYILLPLDCGVPDNLSMADPNIRFLDKLPQQTGDHAGIKDRVY
SNSIYELLENGQRAGTCVLEYATPLQTLFAMSQYSQAGFSREDRLEQAKLFCRTLEDILADAPESQNNCRLIAYQEPADD
SSFSLSQEVLRHLRQEEKEEVTVGSLKTSAVPSTSTMSQEPELLISGMEKPLPLRTDFS
;
A,D
2 'polypeptide(L)' YVPNEPWSYYSYYCG B
#
# COMPACT_ATOMS: atom_id res chain seq x y z
N PHE A 153 19.76 -0.75 2.48
CA PHE A 153 18.47 -1.31 2.12
C PHE A 153 17.46 -1.13 3.26
N ASN A 154 16.99 0.11 3.43
CA ASN A 154 16.04 0.45 4.47
C ASN A 154 14.64 0.43 3.87
N VAL A 155 13.87 -0.63 4.17
CA VAL A 155 12.55 -0.82 3.59
C VAL A 155 11.53 0.11 4.25
N ALA A 156 11.87 0.66 5.42
CA ALA A 156 10.93 1.50 6.13
C ALA A 156 10.69 2.82 5.40
N HIS A 157 11.72 3.32 4.70
CA HIS A 157 11.58 4.57 3.95
C HIS A 157 10.44 4.47 2.95
N GLY A 158 10.43 3.41 2.14
CA GLY A 158 9.35 3.22 1.19
C GLY A 158 8.00 3.02 1.87
N LEU A 159 7.97 2.22 2.93
CA LEU A 159 6.72 1.96 3.63
C LEU A 159 6.12 3.22 4.23
N ALA A 160 6.97 4.06 4.84
CA ALA A 160 6.47 5.31 5.44
C ALA A 160 5.95 6.26 4.38
N TRP A 161 6.75 6.53 3.35
CA TRP A 161 6.33 7.45 2.29
C TRP A 161 5.06 6.96 1.60
N SER A 162 4.98 5.66 1.30
CA SER A 162 3.77 5.13 0.69
C SER A 162 2.58 5.23 1.63
N TYR A 163 2.80 5.01 2.92
CA TYR A 163 1.71 5.11 3.90
C TYR A 163 1.16 6.53 3.98
N TYR A 164 2.02 7.54 3.83
CA TYR A 164 1.55 8.92 3.87
C TYR A 164 0.97 9.34 2.52
N ILE A 165 1.65 8.99 1.43
CA ILE A 165 1.20 9.43 0.10
C ILE A 165 -0.10 8.72 -0.29
N GLY A 166 -0.23 7.45 0.04
CA GLY A 166 -1.35 6.67 -0.45
C GLY A 166 -2.50 6.51 0.53
N TYR A 167 -2.32 6.98 1.76
CA TYR A 167 -3.36 6.78 2.78
C TYR A 167 -3.55 8.00 3.67
N LEU A 168 -2.50 8.36 4.41
CA LEU A 168 -2.64 9.42 5.41
C LEU A 168 -3.00 10.75 4.77
N ARG A 169 -2.36 11.10 3.65
CA ARG A 169 -2.63 12.36 2.98
C ARG A 169 -4.05 12.44 2.42
N LEU A 170 -4.77 11.32 2.32
CA LEU A 170 -6.07 11.29 1.67
C LEU A 170 -7.23 11.15 2.65
N ILE A 171 -6.96 11.00 3.95
CA ILE A 171 -8.02 10.83 4.93
C ILE A 171 -7.91 11.88 6.02
N LEU A 172 -6.69 12.36 6.26
CA LEU A 172 -6.40 13.36 7.29
C LEU A 172 -7.00 14.75 7.02
N PRO A 173 -6.97 15.28 5.78
CA PRO A 173 -7.44 16.67 5.60
C PRO A 173 -8.84 16.93 6.10
N GLU A 174 -9.79 16.04 5.82
CA GLU A 174 -11.18 16.22 6.24
C GLU A 174 -11.52 15.42 7.49
N LEU A 175 -10.52 14.86 8.17
CA LEU A 175 -10.78 13.98 9.31
C LEU A 175 -11.55 14.70 10.40
N GLN A 176 -11.13 15.93 10.74
CA GLN A 176 -11.80 16.68 11.79
C GLN A 176 -13.27 16.94 11.45
N ALA A 177 -13.54 17.31 10.20
CA ALA A 177 -14.91 17.61 9.79
C ALA A 177 -15.82 16.39 9.98
N ARG A 178 -15.31 15.20 9.68
CA ARG A 178 -16.09 13.99 9.94
C ARG A 178 -16.31 13.79 11.43
N ILE A 179 -15.32 14.14 12.24
CA ILE A 179 -15.44 14.01 13.69
C ILE A 179 -16.38 15.06 14.25
N ARG A 180 -16.33 16.28 13.72
CA ARG A 180 -17.22 17.35 14.20
C ARG A 180 -18.68 16.98 13.95
N THR A 181 -18.98 16.49 12.76
CA THR A 181 -20.35 16.05 12.46
C THR A 181 -20.78 14.95 13.41
N TYR A 182 -19.88 14.01 13.73
CA TYR A 182 -20.19 12.97 14.70
C TYR A 182 -20.42 13.56 16.09
N ASN A 183 -19.56 14.50 16.51
CA ASN A 183 -19.68 15.06 17.85
C ASN A 183 -20.93 15.89 18.03
N GLN A 184 -21.58 16.29 16.94
CA GLN A 184 -22.87 16.98 17.05
C GLN A 184 -23.90 16.11 17.76
N HIS A 185 -23.80 14.79 17.58
CA HIS A 185 -24.70 13.85 18.25
C HIS A 185 -24.24 13.57 19.67
N GLY A 192 -20.83 12.86 25.88
CA GLY A 192 -19.79 12.20 25.11
C GLY A 192 -19.11 13.11 24.11
N ALA A 193 -17.87 12.79 23.77
CA ALA A 193 -17.12 13.58 22.80
C ALA A 193 -15.92 12.76 22.33
N VAL A 194 -15.55 12.97 21.07
CA VAL A 194 -14.46 12.25 20.43
C VAL A 194 -13.31 13.22 20.18
N SER A 195 -12.09 12.71 20.32
CA SER A 195 -10.90 13.50 20.10
C SER A 195 -10.85 14.01 18.66
N GLN A 196 -9.94 14.95 18.41
CA GLN A 196 -9.82 15.57 17.10
C GLN A 196 -8.73 14.97 16.22
N ARG A 197 -7.88 14.11 16.77
CA ARG A 197 -6.74 13.57 16.06
C ARG A 197 -6.95 12.09 15.74
N LEU A 198 -6.21 11.62 14.74
CA LEU A 198 -6.15 10.20 14.40
C LEU A 198 -4.94 9.60 15.11
N TYR A 199 -5.19 8.70 16.07
CA TYR A 199 -4.14 8.05 16.83
C TYR A 199 -3.73 6.76 16.14
N ILE A 200 -2.48 6.70 15.68
CA ILE A 200 -1.95 5.53 15.00
C ILE A 200 -1.05 4.76 15.97
N LEU A 201 -1.38 3.49 16.19
CA LEU A 201 -0.56 2.63 17.03
C LEU A 201 0.59 2.07 16.22
N LEU A 202 1.81 2.18 16.78
CA LEU A 202 3.03 1.65 16.16
C LEU A 202 3.65 0.64 17.12
N PRO A 203 3.08 -0.57 17.22
CA PRO A 203 3.75 -1.62 18.00
C PRO A 203 5.05 -2.03 17.34
N LEU A 204 6.18 -1.77 18.01
CA LEU A 204 7.48 -2.04 17.41
C LEU A 204 7.73 -3.52 17.18
N ASP A 205 6.95 -4.41 17.80
CA ASP A 205 7.01 -5.82 17.46
C ASP A 205 6.36 -6.13 16.12
N CYS A 206 5.71 -5.13 15.50
CA CYS A 206 5.02 -5.29 14.22
C CYS A 206 3.92 -6.35 14.28
N GLY A 207 3.26 -6.46 15.44
CA GLY A 207 2.17 -7.41 15.58
C GLY A 207 0.81 -6.73 15.60
N VAL A 208 0.10 -6.79 14.47
CA VAL A 208 -1.18 -6.12 14.31
C VAL A 208 -2.28 -7.18 14.38
N PRO A 209 -3.08 -7.22 15.43
CA PRO A 209 -4.22 -8.14 15.46
C PRO A 209 -5.35 -7.65 14.56
N ASP A 210 -6.26 -8.59 14.25
CA ASP A 210 -7.42 -8.24 13.44
C ASP A 210 -8.46 -7.47 14.24
N ASN A 211 -8.49 -7.66 15.56
CA ASN A 211 -9.42 -6.94 16.43
C ASN A 211 -8.63 -6.28 17.57
N LEU A 212 -8.81 -4.97 17.72
CA LEU A 212 -8.10 -4.24 18.77
C LEU A 212 -8.54 -4.67 20.16
N SER A 213 -9.77 -5.17 20.32
CA SER A 213 -10.25 -5.61 21.62
C SER A 213 -9.35 -6.68 22.23
N MET A 214 -8.70 -7.49 21.39
CA MET A 214 -7.83 -8.54 21.90
C MET A 214 -6.58 -7.94 22.54
N ALA A 215 -5.96 -6.97 21.87
CA ALA A 215 -4.72 -6.38 22.37
C ALA A 215 -4.90 -5.84 23.79
N ASP A 216 -5.98 -5.11 24.03
CA ASP A 216 -6.31 -4.64 25.37
C ASP A 216 -7.81 -4.78 25.59
N PRO A 217 -8.24 -5.51 26.63
CA PRO A 217 -9.68 -5.63 26.89
C PRO A 217 -10.35 -4.31 27.22
N ASN A 218 -9.61 -3.33 27.71
CA ASN A 218 -10.19 -2.02 28.00
C ASN A 218 -10.36 -1.14 26.77
N ILE A 219 -9.97 -1.61 25.60
CA ILE A 219 -10.27 -0.94 24.34
C ILE A 219 -11.38 -1.71 23.64
N ARG A 220 -12.51 -1.05 23.44
CA ARG A 220 -13.68 -1.69 22.85
C ARG A 220 -14.22 -0.84 21.70
N PHE A 221 -14.74 -1.53 20.70
CA PHE A 221 -15.31 -0.85 19.54
C PHE A 221 -16.61 -0.14 19.93
N LEU A 222 -16.77 1.08 19.44
CA LEU A 222 -17.97 1.87 19.70
C LEU A 222 -18.75 2.15 18.43
N ASP A 223 -18.09 2.63 17.38
CA ASP A 223 -18.74 2.96 16.12
C ASP A 223 -17.65 3.25 15.09
N LYS A 224 -18.05 3.33 13.83
CA LYS A 224 -17.17 3.73 12.75
C LYS A 224 -17.45 5.18 12.39
N LEU A 225 -16.39 5.94 12.16
CA LEU A 225 -16.50 7.35 11.81
C LEU A 225 -17.27 7.52 10.51
N PRO A 226 -18.44 8.16 10.52
CA PRO A 226 -19.19 8.33 9.27
C PRO A 226 -18.42 9.20 8.28
N GLN A 227 -18.62 8.94 7.00
CA GLN A 227 -17.96 9.66 5.92
C GLN A 227 -18.44 11.11 5.86
N ARG A 238 -9.75 8.21 -2.82
CA ARG A 238 -10.40 6.96 -2.45
C ARG A 238 -10.97 7.06 -1.04
N VAL A 239 -12.02 6.29 -0.78
CA VAL A 239 -12.69 6.30 0.52
C VAL A 239 -12.09 5.21 1.40
N TYR A 240 -11.79 5.58 2.65
CA TYR A 240 -11.18 4.67 3.61
C TYR A 240 -11.95 4.75 4.93
N SER A 241 -12.08 3.61 5.59
CA SER A 241 -12.95 3.50 6.77
C SER A 241 -12.11 3.58 8.04
N ASN A 242 -12.41 4.58 8.86
CA ASN A 242 -11.82 4.73 10.18
C ASN A 242 -12.91 4.52 11.22
N SER A 243 -12.52 4.02 12.39
CA SER A 243 -13.50 3.62 13.40
C SER A 243 -13.13 4.21 14.75
N ILE A 244 -14.16 4.59 15.51
CA ILE A 244 -14.00 5.23 16.82
C ILE A 244 -14.03 4.17 17.90
N TYR A 245 -13.03 4.18 18.78
CA TYR A 245 -12.91 3.22 19.86
C TYR A 245 -12.97 3.94 21.20
N GLU A 246 -13.48 3.24 22.21
CA GLU A 246 -13.57 3.76 23.56
C GLU A 246 -12.62 3.00 24.47
N LEU A 247 -11.94 3.73 25.35
CA LEU A 247 -10.97 3.17 26.27
C LEU A 247 -11.53 3.17 27.68
N LEU A 248 -11.32 2.06 28.40
CA LEU A 248 -12.01 1.79 29.65
C LEU A 248 -11.06 1.83 30.84
N GLU A 249 -11.62 2.19 32.00
CA GLU A 249 -10.92 2.15 33.28
C GLU A 249 -11.92 1.65 34.33
N ASN A 250 -11.70 0.43 34.82
CA ASN A 250 -12.61 -0.19 35.79
C ASN A 250 -14.02 -0.30 35.23
N GLY A 251 -14.12 -0.58 33.93
CA GLY A 251 -15.42 -0.70 33.29
C GLY A 251 -16.11 0.61 33.02
N GLN A 252 -15.41 1.74 33.15
CA GLN A 252 -15.99 3.06 32.95
C GLN A 252 -15.29 3.75 31.80
N ARG A 253 -16.08 4.46 30.99
CA ARG A 253 -15.57 5.16 29.82
C ARG A 253 -14.65 6.28 30.25
N ALA A 254 -13.35 6.15 29.97
CA ALA A 254 -12.37 7.18 30.28
C ALA A 254 -11.92 7.96 29.05
N GLY A 255 -12.20 7.47 27.85
CA GLY A 255 -11.83 8.15 26.64
C GLY A 255 -12.35 7.47 25.39
N THR A 256 -12.60 8.25 24.34
CA THR A 256 -13.03 7.73 23.05
C THR A 256 -12.26 8.47 21.96
N CYS A 257 -11.69 7.72 21.03
CA CYS A 257 -10.86 8.32 19.99
C CYS A 257 -10.89 7.44 18.75
N VAL A 258 -10.46 8.02 17.63
CA VAL A 258 -10.29 7.28 16.39
C VAL A 258 -8.94 6.57 16.45
N LEU A 259 -8.97 5.24 16.55
CA LEU A 259 -7.78 4.43 16.73
C LEU A 259 -7.59 3.48 15.56
N GLU A 260 -6.35 3.31 15.13
CA GLU A 260 -6.02 2.42 14.02
C GLU A 260 -4.55 2.05 14.10
N TYR A 261 -4.21 0.91 13.52
CA TYR A 261 -2.84 0.43 13.48
C TYR A 261 -2.09 1.00 12.28
N ALA A 262 -0.77 1.02 12.40
CA ALA A 262 0.11 1.30 11.28
C ALA A 262 0.16 0.05 10.41
N THR A 263 -0.71 0.00 9.40
CA THR A 263 -0.79 -1.16 8.52
C THR A 263 0.55 -1.57 7.91
N PRO A 264 1.44 -0.67 7.48
CA PRO A 264 2.74 -1.12 6.95
C PRO A 264 3.57 -1.95 7.93
N LEU A 265 3.22 -1.96 9.22
CA LEU A 265 3.99 -2.75 10.18
C LEU A 265 3.81 -4.24 9.94
N GLN A 266 2.64 -4.67 9.45
CA GLN A 266 2.45 -6.07 9.11
C GLN A 266 3.34 -6.48 7.92
N THR A 267 3.61 -5.54 7.02
CA THR A 267 4.52 -5.83 5.92
C THR A 267 5.92 -6.18 6.43
N LEU A 268 6.35 -5.53 7.51
CA LEU A 268 7.61 -5.90 8.13
C LEU A 268 7.53 -7.28 8.78
N PHE A 269 6.38 -7.61 9.36
CA PHE A 269 6.20 -8.91 9.98
C PHE A 269 6.19 -10.02 8.94
N ALA A 270 5.47 -9.81 7.83
CA ALA A 270 5.41 -10.82 6.78
C ALA A 270 6.78 -11.05 6.14
N MET A 271 7.59 -9.99 6.02
CA MET A 271 8.93 -10.16 5.47
C MET A 271 9.81 -11.02 6.38
N SER A 272 9.60 -10.92 7.70
CA SER A 272 10.39 -11.73 8.64
C SER A 272 9.97 -13.19 8.63
N GLN A 273 8.77 -13.50 8.13
CA GLN A 273 8.34 -14.88 7.94
C GLN A 273 8.57 -15.36 6.52
N TYR A 274 9.33 -14.59 5.73
CA TYR A 274 9.68 -14.92 4.35
C TYR A 274 11.18 -15.23 4.35
N SER A 275 11.51 -16.53 4.27
CA SER A 275 12.90 -16.94 4.41
C SER A 275 13.79 -16.33 3.34
N GLN A 276 13.26 -16.21 2.12
CA GLN A 276 14.02 -15.67 1.00
C GLN A 276 14.31 -14.18 1.13
N ALA A 277 13.73 -13.51 2.13
CA ALA A 277 13.95 -12.08 2.30
C ALA A 277 15.25 -11.79 3.05
N GLY A 278 15.68 -12.69 3.93
CA GLY A 278 16.80 -12.38 4.78
C GLY A 278 16.48 -11.40 5.88
N PHE A 279 15.21 -11.27 6.25
CA PHE A 279 14.76 -10.31 7.24
C PHE A 279 14.65 -11.02 8.58
N SER A 280 15.56 -10.69 9.50
CA SER A 280 15.57 -11.29 10.83
C SER A 280 14.70 -10.49 11.78
N ARG A 281 14.41 -11.10 12.94
CA ARG A 281 13.62 -10.43 13.96
C ARG A 281 14.29 -9.14 14.43
N GLU A 282 15.63 -9.14 14.49
CA GLU A 282 16.35 -7.91 14.84
C GLU A 282 16.19 -6.87 13.76
N ASP A 283 16.23 -7.28 12.49
CA ASP A 283 16.04 -6.33 11.39
C ASP A 283 14.62 -5.77 11.38
N ARG A 284 13.63 -6.57 11.78
CA ARG A 284 12.26 -6.08 11.80
C ARG A 284 12.09 -4.97 12.81
N LEU A 285 12.62 -5.16 14.03
CA LEU A 285 12.55 -4.11 15.04
C LEU A 285 13.31 -2.87 14.60
N GLU A 286 14.50 -3.05 14.01
CA GLU A 286 15.28 -1.91 13.55
C GLU A 286 14.53 -1.11 12.49
N GLN A 287 13.92 -1.80 11.53
CA GLN A 287 13.15 -1.11 10.51
C GLN A 287 11.88 -0.49 11.09
N ALA A 288 11.31 -1.10 12.13
CA ALA A 288 10.14 -0.52 12.77
C ALA A 288 10.46 0.84 13.38
N LYS A 289 11.63 0.96 14.02
CA LYS A 289 12.04 2.25 14.56
C LYS A 289 12.27 3.26 13.46
N LEU A 290 12.86 2.83 12.34
CA LEU A 290 13.06 3.73 11.21
C LEU A 290 11.73 4.18 10.62
N PHE A 291 10.77 3.26 10.52
CA PHE A 291 9.44 3.62 10.04
C PHE A 291 8.80 4.68 10.93
N CYS A 292 8.98 4.57 12.24
CA CYS A 292 8.40 5.55 13.15
C CYS A 292 9.07 6.92 13.02
N ARG A 293 10.40 6.93 12.95
CA ARG A 293 11.12 8.20 12.80
C ARG A 293 10.79 8.88 11.48
N THR A 294 10.78 8.13 10.39
CA THR A 294 10.56 8.73 9.07
C THR A 294 9.16 9.32 8.98
N LEU A 295 8.15 8.59 9.47
CA LEU A 295 6.80 9.12 9.45
C LEU A 295 6.69 10.37 10.30
N GLU A 296 7.46 10.45 11.39
CA GLU A 296 7.48 11.66 12.21
C GLU A 296 7.96 12.85 11.41
N ASP A 297 9.13 12.73 10.77
CA ASP A 297 9.66 13.82 9.95
C ASP A 297 8.71 14.17 8.81
N ILE A 298 8.09 13.16 8.20
CA ILE A 298 7.16 13.41 7.10
C ILE A 298 6.00 14.28 7.58
N LEU A 299 5.34 13.84 8.66
CA LEU A 299 4.18 14.56 9.16
C LEU A 299 4.57 15.91 9.73
N ALA A 300 5.80 16.04 10.24
CA ALA A 300 6.20 17.32 10.81
C ALA A 300 6.18 18.42 9.75
N ASP A 301 6.71 18.13 8.56
CA ASP A 301 6.75 19.08 7.46
C ASP A 301 5.52 18.97 6.55
N ALA A 302 4.50 18.38 7.02
CA ALA A 302 3.28 18.04 6.29
C ALA A 302 2.19 19.08 6.56
N PRO A 303 1.31 19.28 5.58
CA PRO A 303 0.21 20.23 5.80
C PRO A 303 -0.68 19.80 6.96
N GLU A 304 -1.02 18.51 7.05
CA GLU A 304 -1.79 18.05 8.21
C GLU A 304 -0.97 18.24 9.48
N SER A 305 0.35 18.10 9.38
CA SER A 305 1.33 18.40 10.45
C SER A 305 0.97 17.73 11.78
N GLN A 306 0.46 16.52 11.73
CA GLN A 306 0.10 15.79 12.94
C GLN A 306 -0.92 16.58 13.76
N ASN A 307 -1.41 17.70 13.21
CA ASN A 307 -2.42 18.48 13.92
C ASN A 307 -3.70 17.68 14.05
N ASN A 308 -3.81 16.63 13.22
CA ASN A 308 -4.88 15.64 13.21
C ASN A 308 -4.33 14.23 13.37
N CYS A 309 -3.07 14.08 13.80
CA CYS A 309 -2.40 12.79 13.84
C CYS A 309 -1.41 12.69 15.00
N ARG A 310 -1.54 11.64 15.81
CA ARG A 310 -0.58 11.38 16.87
C ARG A 310 0.01 9.99 16.65
N LEU A 311 1.30 9.84 16.95
CA LEU A 311 2.00 8.58 16.76
C LEU A 311 2.26 7.91 18.10
N ILE A 312 1.80 6.67 18.23
CA ILE A 312 1.94 5.90 19.45
C ILE A 312 2.93 4.78 19.16
N ALA A 313 4.16 4.94 19.63
CA ALA A 313 5.20 3.93 19.48
C ALA A 313 5.39 3.26 20.83
N TYR A 314 5.16 1.95 20.88
CA TYR A 314 5.25 1.19 22.12
C TYR A 314 5.84 -0.18 21.85
N GLN A 315 6.78 -0.59 22.70
CA GLN A 315 7.40 -1.90 22.62
C GLN A 315 6.80 -2.76 23.72
N GLU A 316 6.00 -3.76 23.33
CA GLU A 316 5.38 -4.63 24.31
C GLU A 316 6.44 -5.38 25.10
N PRO A 317 6.22 -5.62 26.40
CA PRO A 317 7.18 -6.34 27.24
C PRO A 317 7.00 -7.86 27.17
N PHE A 323 2.21 -3.84 30.59
CA PHE A 323 1.92 -2.72 29.72
C PHE A 323 0.45 -2.62 29.42
N SER A 324 -0.18 -1.54 29.81
CA SER A 324 -1.58 -1.34 29.45
C SER A 324 -1.63 -0.40 28.25
N LEU A 325 -2.01 -0.94 27.10
CA LEU A 325 -2.13 -0.10 25.90
C LEU A 325 -3.20 0.96 26.08
N SER A 326 -4.32 0.59 26.70
CA SER A 326 -5.38 1.56 26.95
C SER A 326 -4.88 2.73 27.79
N GLN A 327 -4.01 2.45 28.76
CA GLN A 327 -3.49 3.53 29.60
C GLN A 327 -2.55 4.45 28.82
N GLU A 328 -1.77 3.88 27.89
CA GLU A 328 -0.84 4.71 27.13
C GLU A 328 -1.56 5.66 26.20
N VAL A 329 -2.61 5.20 25.51
CA VAL A 329 -3.37 6.09 24.65
C VAL A 329 -4.17 7.09 25.48
N LEU A 330 -4.71 6.64 26.63
CA LEU A 330 -5.41 7.56 27.53
C LEU A 330 -4.48 8.67 28.02
N ARG A 331 -3.22 8.34 28.30
CA ARG A 331 -2.28 9.36 28.75
C ARG A 331 -2.09 10.45 27.69
N HIS A 332 -2.01 10.06 26.42
CA HIS A 332 -1.86 11.06 25.36
C HIS A 332 -3.14 11.82 25.11
N LEU A 333 -4.29 11.16 25.28
CA LEU A 333 -5.57 11.82 25.06
C LEU A 333 -5.78 12.93 26.08
N ARG A 334 -5.51 12.66 27.36
CA ARG A 334 -5.67 13.69 28.39
C ARG A 334 -4.67 14.82 28.19
N GLN A 335 -3.46 14.50 27.71
CA GLN A 335 -2.49 15.54 27.39
C GLN A 335 -3.00 16.44 26.28
N GLU A 336 -3.62 15.83 25.25
CA GLU A 336 -4.20 16.62 24.17
C GLU A 336 -5.29 17.56 24.69
N GLU A 337 -6.14 17.06 25.60
CA GLU A 337 -7.14 17.93 26.21
C GLU A 337 -6.49 19.03 27.03
N LYS A 338 -5.40 18.71 27.73
CA LYS A 338 -4.65 19.73 28.45
C LYS A 338 -4.17 20.82 27.51
N GLU A 339 -3.51 20.44 26.42
CA GLU A 339 -3.05 21.43 25.45
C GLU A 339 -4.20 22.24 24.87
N GLU A 340 -5.34 21.58 24.63
CA GLU A 340 -6.47 22.26 24.01
C GLU A 340 -7.04 23.37 24.88
N VAL A 341 -6.78 23.35 26.18
CA VAL A 341 -7.31 24.38 27.08
C VAL A 341 -6.23 25.32 27.62
N THR A 342 -4.95 24.97 27.52
CA THR A 342 -3.90 25.90 27.89
C THR A 342 -3.49 26.80 26.73
N VAL A 343 -3.23 26.22 25.57
CA VAL A 343 -2.76 26.98 24.42
C VAL A 343 -3.93 27.58 23.65
N PRO B 6 -6.51 -3.44 -7.07
CA PRO B 6 -5.60 -2.29 -7.13
C PRO B 6 -4.51 -2.38 -6.07
N TRP B 7 -4.29 -1.30 -5.32
CA TRP B 7 -3.30 -1.29 -4.25
C TRP B 7 -3.89 -0.72 -2.98
N SER B 8 -5.10 -1.16 -2.62
CA SER B 8 -5.69 -0.80 -1.34
C SER B 8 -5.09 -1.66 -0.24
N TYR B 9 -3.75 -1.73 -0.20
CA TYR B 9 -3.04 -2.53 0.79
C TYR B 9 -3.49 -2.18 2.20
N TYR B 10 -3.58 -0.90 2.49
CA TYR B 10 -4.01 -0.45 3.81
C TYR B 10 -5.53 -0.43 3.88
N SER B 11 -6.05 -0.26 5.09
CA SER B 11 -7.47 -0.47 5.34
C SER B 11 -8.33 0.48 4.51
N TYR B 12 -9.51 0.00 4.13
CA TYR B 12 -10.43 0.77 3.29
C TYR B 12 -11.87 0.58 3.75
N PHE C 153 16.99 6.32 2.14
CA PHE C 153 17.42 7.12 1.00
C PHE C 153 16.76 6.63 -0.29
N ASN C 154 16.72 5.31 -0.47
CA ASN C 154 16.13 4.68 -1.65
C ASN C 154 14.71 4.25 -1.29
N VAL C 155 13.73 5.03 -1.76
CA VAL C 155 12.33 4.76 -1.43
C VAL C 155 11.75 3.62 -2.24
N ALA C 156 12.39 3.22 -3.34
CA ALA C 156 11.86 2.14 -4.16
C ALA C 156 11.92 0.80 -3.44
N HIS C 157 12.91 0.62 -2.56
CA HIS C 157 13.04 -0.63 -1.82
C HIS C 157 11.77 -0.98 -1.05
N GLY C 158 11.25 -0.01 -0.29
CA GLY C 158 10.01 -0.25 0.43
C GLY C 158 8.84 -0.48 -0.51
N LEU C 159 8.76 0.30 -1.58
CA LEU C 159 7.64 0.16 -2.52
C LEU C 159 7.64 -1.21 -3.18
N ALA C 160 8.82 -1.70 -3.58
CA ALA C 160 8.90 -3.00 -4.21
C ALA C 160 8.51 -4.12 -3.25
N TRP C 161 9.11 -4.14 -2.06
CA TRP C 161 8.81 -5.19 -1.10
C TRP C 161 7.33 -5.15 -0.69
N SER C 162 6.78 -3.96 -0.45
CA SER C 162 5.38 -3.86 -0.11
C SER C 162 4.49 -4.31 -1.26
N TYR C 163 4.88 -3.97 -2.50
CA TYR C 163 4.09 -4.37 -3.65
C TYR C 163 4.08 -5.89 -3.81
N TYR C 164 5.18 -6.55 -3.47
CA TYR C 164 5.24 -8.00 -3.56
C TYR C 164 4.60 -8.66 -2.33
N ILE C 165 4.89 -8.14 -1.14
CA ILE C 165 4.37 -8.75 0.08
C ILE C 165 2.87 -8.53 0.19
N GLY C 166 2.39 -7.35 -0.20
CA GLY C 166 1.01 -6.98 0.03
C GLY C 166 0.06 -7.17 -1.13
N TYR C 167 0.59 -7.52 -2.30
CA TYR C 167 -0.26 -7.63 -3.49
C TYR C 167 0.12 -8.83 -4.35
N LEU C 168 1.35 -8.83 -4.87
CA LEU C 168 1.75 -9.85 -5.82
C LEU C 168 1.70 -11.24 -5.18
N ARG C 169 2.15 -11.37 -3.94
CA ARG C 169 2.18 -12.66 -3.27
C ARG C 169 0.78 -13.24 -3.05
N LEU C 170 -0.27 -12.42 -3.16
CA LEU C 170 -1.62 -12.86 -2.85
C LEU C 170 -2.50 -13.06 -4.07
N ILE C 171 -2.02 -12.75 -5.28
CA ILE C 171 -2.84 -12.90 -6.47
C ILE C 171 -2.14 -13.79 -7.48
N LEU C 172 -0.82 -13.82 -7.43
CA LEU C 172 -0.01 -14.63 -8.35
C LEU C 172 -0.16 -16.14 -8.15
N PRO C 173 -0.21 -16.65 -6.91
CA PRO C 173 -0.25 -18.13 -6.74
C PRO C 173 -1.37 -18.81 -7.50
N GLU C 174 -2.59 -18.26 -7.47
CA GLU C 174 -3.72 -18.88 -8.12
C GLU C 174 -4.03 -18.26 -9.48
N LEU C 175 -3.15 -17.40 -10.00
CA LEU C 175 -3.46 -16.67 -11.23
C LEU C 175 -3.72 -17.61 -12.40
N GLN C 176 -2.87 -18.63 -12.57
CA GLN C 176 -3.04 -19.56 -13.68
C GLN C 176 -4.38 -20.27 -13.60
N ALA C 177 -4.78 -20.68 -12.40
CA ALA C 177 -6.06 -21.38 -12.24
C ALA C 177 -7.23 -20.51 -12.65
N ARG C 178 -7.19 -19.21 -12.32
CA ARG C 178 -8.25 -18.31 -12.75
C ARG C 178 -8.25 -18.14 -14.27
N ILE C 179 -7.06 -18.10 -14.88
CA ILE C 179 -6.99 -17.97 -16.33
C ILE C 179 -7.41 -19.27 -17.01
N ARG C 180 -7.01 -20.41 -16.43
CA ARG C 180 -7.38 -21.70 -16.99
C ARG C 180 -8.89 -21.89 -16.97
N THR C 181 -9.53 -21.57 -15.84
CA THR C 181 -10.98 -21.64 -15.77
C THR C 181 -11.63 -20.72 -16.80
N TYR C 182 -11.07 -19.52 -16.96
CA TYR C 182 -11.54 -18.63 -18.02
C TYR C 182 -11.25 -19.21 -19.39
N ASN C 183 -10.05 -19.76 -19.57
CA ASN C 183 -9.63 -20.31 -20.85
C ASN C 183 -10.43 -21.54 -21.25
N GLN C 184 -11.24 -22.11 -20.34
CA GLN C 184 -12.14 -23.19 -20.76
C GLN C 184 -13.07 -22.72 -21.87
N HIS C 185 -13.47 -21.46 -21.84
CA HIS C 185 -14.24 -20.88 -22.93
C HIS C 185 -13.29 -20.45 -24.03
N TYR C 186 -13.83 -20.32 -25.25
CA TYR C 186 -13.03 -19.95 -26.42
C TYR C 186 -11.88 -20.93 -26.63
N ASN C 187 -12.21 -22.22 -26.58
CA ASN C 187 -11.22 -23.29 -26.69
C ASN C 187 -10.43 -23.20 -27.99
N VAL C 194 -5.76 -14.92 -21.94
CA VAL C 194 -5.34 -16.09 -22.69
C VAL C 194 -4.00 -16.60 -22.16
N SER C 195 -3.00 -15.71 -22.13
CA SER C 195 -1.69 -16.08 -21.65
C SER C 195 -1.77 -16.48 -20.18
N GLN C 196 -0.69 -17.10 -19.70
CA GLN C 196 -0.65 -17.64 -18.34
C GLN C 196 0.01 -16.70 -17.34
N ARG C 197 0.62 -15.61 -17.80
CA ARG C 197 1.40 -14.74 -16.93
C ARG C 197 0.68 -13.42 -16.70
N LEU C 198 1.06 -12.76 -15.61
CA LEU C 198 0.61 -11.41 -15.31
C LEU C 198 1.66 -10.43 -15.82
N TYR C 199 1.30 -9.65 -16.84
CA TYR C 199 2.21 -8.68 -17.42
C TYR C 199 2.04 -7.36 -16.69
N ILE C 200 3.09 -6.91 -16.02
CA ILE C 200 3.07 -5.66 -15.27
C ILE C 200 3.80 -4.60 -16.09
N LEU C 201 3.11 -3.51 -16.40
CA LEU C 201 3.72 -2.40 -17.11
C LEU C 201 4.46 -1.52 -16.11
N LEU C 202 5.73 -1.21 -16.42
CA LEU C 202 6.56 -0.34 -15.59
C LEU C 202 6.98 0.85 -16.44
N PRO C 203 6.09 1.80 -16.70
CA PRO C 203 6.49 3.03 -17.40
C PRO C 203 7.45 3.83 -16.52
N LEU C 204 8.69 3.97 -17.00
CA LEU C 204 9.72 4.64 -16.21
C LEU C 204 9.40 6.11 -15.97
N ASP C 205 8.45 6.69 -16.69
CA ASP C 205 7.97 8.03 -16.39
C ASP C 205 7.09 8.07 -15.14
N CYS C 206 6.75 6.90 -14.59
CA CYS C 206 5.85 6.81 -13.43
C CYS C 206 4.50 7.45 -13.72
N GLY C 207 4.08 7.40 -14.99
CA GLY C 207 2.80 7.94 -15.39
C GLY C 207 1.77 6.86 -15.67
N VAL C 208 0.87 6.64 -14.72
CA VAL C 208 -0.13 5.57 -14.82
C VAL C 208 -1.46 6.22 -15.18
N PRO C 209 -1.98 6.01 -16.38
CA PRO C 209 -3.33 6.50 -16.70
C PRO C 209 -4.41 5.68 -15.99
N ASP C 210 -5.58 6.29 -15.91
CA ASP C 210 -6.72 5.59 -15.32
C ASP C 210 -7.29 4.54 -16.27
N ASN C 211 -7.11 4.74 -17.58
CA ASN C 211 -7.55 3.79 -18.59
C ASN C 211 -6.37 3.46 -19.49
N LEU C 212 -6.06 2.17 -19.62
CA LEU C 212 -4.95 1.73 -20.45
C LEU C 212 -5.20 2.01 -21.93
N SER C 213 -6.47 2.06 -22.34
CA SER C 213 -6.80 2.32 -23.74
C SER C 213 -6.20 3.63 -24.24
N MET C 214 -6.02 4.60 -23.34
CA MET C 214 -5.46 5.88 -23.73
C MET C 214 -4.00 5.75 -24.14
N ALA C 215 -3.21 5.01 -23.35
CA ALA C 215 -1.78 4.86 -23.63
C ALA C 215 -1.53 4.38 -25.05
N ASP C 216 -2.27 3.35 -25.47
CA ASP C 216 -2.20 2.87 -26.84
C ASP C 216 -3.61 2.51 -27.31
N PRO C 217 -4.09 3.09 -28.41
CA PRO C 217 -5.42 2.72 -28.91
C PRO C 217 -5.52 1.26 -29.30
N ASN C 218 -4.40 0.61 -29.59
CA ASN C 218 -4.38 -0.81 -29.90
C ASN C 218 -4.45 -1.69 -28.66
N ILE C 219 -4.52 -1.10 -27.47
CA ILE C 219 -4.79 -1.83 -26.23
C ILE C 219 -6.22 -1.54 -25.84
N ARG C 220 -7.06 -2.58 -25.80
CA ARG C 220 -8.47 -2.42 -25.51
C ARG C 220 -8.92 -3.41 -24.44
N PHE C 221 -9.85 -2.97 -23.61
CA PHE C 221 -10.39 -3.82 -22.56
C PHE C 221 -11.27 -4.91 -23.17
N LEU C 222 -11.13 -6.13 -22.64
CA LEU C 222 -11.93 -7.25 -23.11
C LEU C 222 -12.85 -7.80 -22.02
N ASP C 223 -12.32 -8.06 -20.84
CA ASP C 223 -13.10 -8.62 -19.73
C ASP C 223 -12.21 -8.58 -18.49
N LYS C 224 -12.84 -8.83 -17.35
CA LYS C 224 -12.12 -8.98 -16.09
C LYS C 224 -12.00 -10.46 -15.74
N LEU C 225 -10.82 -10.86 -15.28
CA LEU C 225 -10.55 -12.24 -14.91
C LEU C 225 -11.46 -12.64 -13.75
N PRO C 226 -12.39 -13.57 -13.95
CA PRO C 226 -13.29 -13.97 -12.86
C PRO C 226 -12.54 -14.65 -11.73
N GLN C 227 -13.06 -14.46 -10.52
CA GLN C 227 -12.46 -15.06 -9.34
C GLN C 227 -12.63 -16.58 -9.35
N GLN C 228 -12.06 -17.23 -8.35
CA GLN C 228 -12.13 -18.69 -8.24
C GLN C 228 -13.01 -19.11 -7.08
N SER C 241 -8.51 -7.51 -8.05
CA SER C 241 -9.21 -7.54 -9.33
C SER C 241 -8.24 -7.31 -10.48
N ASN C 242 -8.14 -8.30 -11.37
CA ASN C 242 -7.35 -8.22 -12.58
C ASN C 242 -8.25 -8.26 -13.80
N SER C 243 -7.80 -7.65 -14.89
CA SER C 243 -8.61 -7.51 -16.09
C SER C 243 -7.83 -7.98 -17.30
N ILE C 244 -8.53 -8.61 -18.23
CA ILE C 244 -7.93 -9.15 -19.45
C ILE C 244 -8.06 -8.12 -20.55
N TYR C 245 -6.97 -7.84 -21.24
CA TYR C 245 -6.94 -6.81 -22.27
C TYR C 245 -6.67 -7.43 -23.63
N GLU C 246 -7.19 -6.78 -24.67
CA GLU C 246 -7.01 -7.22 -26.04
C GLU C 246 -6.09 -6.24 -26.76
N LEU C 247 -5.13 -6.79 -27.51
CA LEU C 247 -4.16 -5.98 -28.23
C LEU C 247 -4.42 -6.07 -29.72
N LEU C 248 -4.33 -4.93 -30.40
CA LEU C 248 -4.75 -4.79 -31.78
C LEU C 248 -3.57 -4.54 -32.70
N GLU C 249 -3.70 -5.00 -33.94
CA GLU C 249 -2.74 -4.70 -35.01
C GLU C 249 -3.55 -4.47 -36.28
N ASN C 250 -3.57 -3.22 -36.74
CA ASN C 250 -4.36 -2.83 -37.92
C ASN C 250 -5.84 -3.18 -37.73
N GLY C 251 -6.34 -2.98 -36.51
CA GLY C 251 -7.71 -3.27 -36.18
C GLY C 251 -8.05 -4.73 -35.97
N GLN C 252 -7.06 -5.60 -35.89
CA GLN C 252 -7.27 -7.03 -35.66
C GLN C 252 -6.61 -7.44 -34.36
N ARG C 253 -7.28 -8.32 -33.62
CA ARG C 253 -6.73 -8.79 -32.35
C ARG C 253 -5.51 -9.65 -32.59
N ALA C 254 -4.35 -9.18 -32.13
CA ALA C 254 -3.11 -9.92 -32.26
C ALA C 254 -2.68 -10.62 -30.98
N GLY C 255 -3.29 -10.29 -29.84
CA GLY C 255 -2.93 -10.93 -28.58
C GLY C 255 -3.87 -10.54 -27.45
N THR C 256 -4.01 -11.43 -26.48
CA THR C 256 -4.85 -11.18 -25.31
C THR C 256 -4.13 -11.64 -24.06
N CYS C 257 -4.05 -10.77 -23.06
CA CYS C 257 -3.32 -11.07 -21.83
C CYS C 257 -3.88 -10.26 -20.68
N VAL C 258 -3.53 -10.69 -19.47
CA VAL C 258 -3.85 -9.96 -18.26
C VAL C 258 -2.80 -8.88 -18.07
N LEU C 259 -3.20 -7.61 -18.20
CA LEU C 259 -2.29 -6.48 -18.18
C LEU C 259 -2.63 -5.58 -16.99
N GLU C 260 -1.61 -5.05 -16.34
CA GLU C 260 -1.78 -4.21 -15.17
C GLU C 260 -0.54 -3.35 -14.96
N TYR C 261 -0.73 -2.19 -14.34
CA TYR C 261 0.36 -1.30 -14.01
C TYR C 261 0.98 -1.65 -12.66
N ALA C 262 2.25 -1.27 -12.51
CA ALA C 262 2.91 -1.27 -11.21
C ALA C 262 2.42 -0.06 -10.44
N THR C 263 1.39 -0.26 -9.62
CA THR C 263 0.80 0.83 -8.86
C THR C 263 1.79 1.65 -8.04
N PRO C 264 2.83 1.07 -7.40
CA PRO C 264 3.78 1.93 -6.66
C PRO C 264 4.43 3.03 -7.50
N LEU C 265 4.33 2.97 -8.83
CA LEU C 265 4.91 4.03 -9.65
C LEU C 265 4.17 5.35 -9.47
N GLN C 266 2.86 5.30 -9.20
CA GLN C 266 2.12 6.52 -8.91
C GLN C 266 2.57 7.14 -7.59
N THR C 267 2.97 6.31 -6.63
CA THR C 267 3.52 6.84 -5.39
C THR C 267 4.80 7.63 -5.65
N LEU C 268 5.60 7.18 -6.62
CA LEU C 268 6.79 7.93 -7.01
C LEU C 268 6.40 9.23 -7.70
N PHE C 269 5.32 9.21 -8.49
CA PHE C 269 4.88 10.41 -9.19
C PHE C 269 4.32 11.44 -8.20
N ALA C 270 3.51 10.99 -7.24
CA ALA C 270 2.94 11.92 -6.27
C ALA C 270 4.01 12.56 -5.41
N MET C 271 5.09 11.81 -5.09
CA MET C 271 6.18 12.39 -4.33
C MET C 271 6.89 13.49 -5.12
N SER C 272 6.95 13.36 -6.45
CA SER C 272 7.59 14.37 -7.27
C SER C 272 6.76 15.64 -7.37
N GLN C 273 5.46 15.56 -7.10
CA GLN C 273 4.60 16.72 -7.03
C GLN C 273 4.40 17.22 -5.60
N TYR C 274 5.18 16.70 -4.65
CA TYR C 274 5.14 17.09 -3.24
C TYR C 274 6.42 17.86 -2.96
N SER C 275 6.31 19.19 -2.86
CA SER C 275 7.49 20.04 -2.72
C SER C 275 8.28 19.70 -1.45
N GLN C 276 7.56 19.39 -0.37
CA GLN C 276 8.19 19.10 0.91
C GLN C 276 8.97 17.79 0.91
N ALA C 277 8.87 16.99 -0.15
CA ALA C 277 9.58 15.72 -0.21
C ALA C 277 11.03 15.89 -0.65
N GLY C 278 11.31 16.89 -1.47
CA GLY C 278 12.63 17.00 -2.07
C GLY C 278 12.89 16.00 -3.17
N PHE C 279 11.83 15.48 -3.78
CA PHE C 279 11.93 14.46 -4.81
C PHE C 279 11.87 15.12 -6.17
N SER C 280 12.99 15.12 -6.88
CA SER C 280 13.07 15.73 -8.21
C SER C 280 12.68 14.73 -9.29
N ARG C 281 12.45 15.24 -10.50
CA ARG C 281 12.13 14.37 -11.63
C ARG C 281 13.26 13.40 -11.93
N GLU C 282 14.51 13.83 -11.73
CA GLU C 282 15.64 12.92 -11.89
C GLU C 282 15.62 11.83 -10.83
N ASP C 283 15.25 12.19 -9.59
CA ASP C 283 15.13 11.19 -8.54
C ASP C 283 14.01 10.21 -8.82
N ARG C 284 12.94 10.66 -9.47
CA ARG C 284 11.83 9.77 -9.79
C ARG C 284 12.27 8.68 -10.78
N LEU C 285 13.01 9.06 -11.82
CA LEU C 285 13.50 8.08 -12.78
C LEU C 285 14.47 7.11 -12.11
N GLU C 286 15.36 7.62 -11.25
CA GLU C 286 16.33 6.77 -10.57
C GLU C 286 15.62 5.75 -9.69
N GLN C 287 14.62 6.19 -8.91
CA GLN C 287 13.89 5.26 -8.06
C GLN C 287 13.01 4.32 -8.87
N ALA C 288 12.49 4.79 -10.01
CA ALA C 288 11.71 3.90 -10.88
C ALA C 288 12.58 2.76 -11.42
N LYS C 289 13.80 3.08 -11.84
CA LYS C 289 14.72 2.04 -12.29
C LYS C 289 15.10 1.10 -11.15
N LEU C 290 15.31 1.65 -9.96
CA LEU C 290 15.63 0.83 -8.80
C LEU C 290 14.44 -0.06 -8.43
N PHE C 291 13.22 0.48 -8.52
CA PHE C 291 12.03 -0.32 -8.26
C PHE C 291 11.93 -1.51 -9.20
N CYS C 292 12.30 -1.32 -10.47
CA CYS C 292 12.23 -2.42 -11.44
C CYS C 292 13.30 -3.47 -11.14
N ARG C 293 14.52 -3.04 -10.87
CA ARG C 293 15.59 -3.98 -10.55
C ARG C 293 15.28 -4.75 -9.27
N THR C 294 14.82 -4.04 -8.24
CA THR C 294 14.56 -4.69 -6.95
C THR C 294 13.42 -5.70 -7.09
N LEU C 295 12.33 -5.35 -7.77
CA LEU C 295 11.24 -6.29 -7.98
C LEU C 295 11.68 -7.49 -8.79
N GLU C 296 12.61 -7.29 -9.73
CA GLU C 296 13.13 -8.41 -10.52
C GLU C 296 13.84 -9.42 -9.63
N ASP C 297 14.78 -8.94 -8.81
CA ASP C 297 15.50 -9.83 -7.89
C ASP C 297 14.55 -10.51 -6.93
N ILE C 298 13.53 -9.78 -6.46
CA ILE C 298 12.55 -10.35 -5.53
C ILE C 298 11.84 -11.54 -6.16
N LEU C 299 11.27 -11.33 -7.35
CA LEU C 299 10.53 -12.40 -8.02
C LEU C 299 11.46 -13.53 -8.45
N ALA C 300 12.74 -13.23 -8.71
CA ALA C 300 13.68 -14.27 -9.12
C ALA C 300 13.81 -15.33 -8.03
N ASP C 301 13.95 -14.89 -6.77
CA ASP C 301 14.05 -15.79 -5.63
C ASP C 301 12.69 -16.10 -5.00
N ALA C 302 11.58 -15.84 -5.72
CA ALA C 302 10.32 -16.06 -5.05
C ALA C 302 9.65 -17.35 -5.52
N PRO C 303 9.07 -18.12 -4.60
CA PRO C 303 8.27 -19.29 -5.01
C PRO C 303 6.99 -18.92 -5.73
N GLU C 304 6.26 -17.93 -5.22
CA GLU C 304 4.99 -17.51 -5.82
C GLU C 304 5.16 -17.02 -7.25
N SER C 305 6.33 -16.48 -7.61
CA SER C 305 6.58 -16.09 -8.98
C SER C 305 6.27 -17.22 -9.95
N GLN C 306 6.90 -18.40 -9.75
CA GLN C 306 6.67 -19.58 -10.58
C GLN C 306 6.89 -19.29 -12.06
N ASN C 307 7.46 -18.13 -12.38
CA ASN C 307 7.58 -17.64 -13.75
C ASN C 307 6.19 -17.51 -14.37
N ASN C 308 5.31 -16.84 -13.62
CA ASN C 308 3.95 -16.53 -14.05
C ASN C 308 3.73 -15.01 -14.06
N CYS C 309 4.83 -14.27 -14.01
CA CYS C 309 4.80 -12.82 -13.94
C CYS C 309 6.02 -12.29 -14.69
N ARG C 310 5.79 -11.43 -15.68
CA ARG C 310 6.85 -10.80 -16.45
C ARG C 310 6.74 -9.29 -16.33
N LEU C 311 7.89 -8.62 -16.31
CA LEU C 311 7.98 -7.19 -16.08
C LEU C 311 8.29 -6.48 -17.39
N ILE C 312 7.46 -5.50 -17.74
CA ILE C 312 7.61 -4.72 -18.96
C ILE C 312 8.06 -3.32 -18.54
N ALA C 313 9.35 -3.04 -18.69
CA ALA C 313 9.92 -1.74 -18.37
C ALA C 313 10.20 -1.00 -19.67
N TYR C 314 9.60 0.18 -19.81
CA TYR C 314 9.72 0.96 -21.04
C TYR C 314 9.86 2.43 -20.70
N GLN C 315 10.80 3.10 -21.35
CA GLN C 315 11.03 4.53 -21.20
C GLN C 315 10.47 5.23 -22.45
N GLU C 316 9.42 6.02 -22.27
CA GLU C 316 8.80 6.69 -23.39
C GLU C 316 9.81 7.64 -24.06
N PRO C 317 9.78 7.77 -25.39
CA PRO C 317 10.70 8.64 -26.13
C PRO C 317 10.19 10.08 -26.21
N PHE C 323 8.04 4.31 -30.49
CA PHE C 323 7.75 3.22 -29.57
C PHE C 323 6.25 2.99 -29.46
N SER C 324 5.81 1.75 -29.68
CA SER C 324 4.42 1.35 -29.56
C SER C 324 4.32 0.40 -28.38
N LEU C 325 3.62 0.82 -27.33
CA LEU C 325 3.46 -0.04 -26.17
C LEU C 325 2.73 -1.33 -26.53
N SER C 326 1.71 -1.24 -27.38
CA SER C 326 1.01 -2.45 -27.82
C SER C 326 1.97 -3.40 -28.52
N GLN C 327 2.92 -2.88 -29.30
CA GLN C 327 3.90 -3.72 -29.97
C GLN C 327 4.91 -4.28 -28.97
N GLU C 328 5.28 -3.50 -27.96
CA GLU C 328 6.26 -3.97 -26.98
C GLU C 328 5.70 -5.13 -26.16
N VAL C 329 4.44 -5.04 -25.75
CA VAL C 329 3.85 -6.18 -25.07
C VAL C 329 3.72 -7.35 -26.04
N LEU C 330 3.30 -7.07 -27.28
CA LEU C 330 3.15 -8.11 -28.29
C LEU C 330 4.44 -8.87 -28.51
N ARG C 331 5.56 -8.16 -28.48
CA ARG C 331 6.85 -8.84 -28.63
C ARG C 331 7.06 -9.86 -27.51
N HIS C 332 6.65 -9.52 -26.29
CA HIS C 332 6.83 -10.44 -25.17
C HIS C 332 5.82 -11.60 -25.22
N LEU C 333 4.59 -11.38 -25.67
CA LEU C 333 3.62 -12.47 -25.73
C LEU C 333 4.07 -13.55 -26.73
N ARG C 334 4.51 -13.14 -27.92
CA ARG C 334 4.95 -14.11 -28.91
C ARG C 334 6.20 -14.85 -28.45
N GLN C 335 7.09 -14.18 -27.73
CA GLN C 335 8.27 -14.85 -27.19
C GLN C 335 7.87 -15.92 -26.18
N GLU C 336 6.92 -15.60 -25.29
CA GLU C 336 6.47 -16.58 -24.31
C GLU C 336 5.85 -17.80 -24.98
N GLU C 337 5.05 -17.58 -26.03
CA GLU C 337 4.50 -18.70 -26.78
C GLU C 337 5.59 -19.51 -27.46
N LYS C 338 6.62 -18.81 -27.98
CA LYS C 338 7.76 -19.51 -28.58
C LYS C 338 8.42 -20.44 -27.57
N GLU C 339 8.71 -19.94 -26.37
CA GLU C 339 9.32 -20.76 -25.33
C GLU C 339 8.43 -21.94 -24.97
N GLU C 340 7.11 -21.73 -24.93
CA GLU C 340 6.19 -22.78 -24.51
C GLU C 340 6.18 -23.97 -25.46
N VAL C 341 6.62 -23.80 -26.70
CA VAL C 341 6.60 -24.89 -27.67
C VAL C 341 8.01 -25.34 -28.01
#